data_8DO0
#
_entry.id   8DO0
#
_cell.length_a   1.00
_cell.length_b   1.00
_cell.length_c   1.00
_cell.angle_alpha   90.00
_cell.angle_beta   90.00
_cell.angle_gamma   90.00
#
_symmetry.space_group_name_H-M   'P 1'
#
loop_
_entity.id
_entity.type
_entity.pdbx_description
1 polymer 'Protein transport protein Sec61 subunit gamma'
2 polymer 'Protein transport protein Sec61 subunit beta'
3 polymer 'Protein transport protein Sec61 subunit alpha isoform 1'
4 non-polymer '[(6~{S},7~{S},9~{Z},12~{R})-12-[(~{Z},2~{S},6~{R},7~{R},9~{R})-4,6-dimethyl-7,9-bis(oxidanyl)dec-4-en-2-yl]-7,9-dimethyl-2-oxidanylidene-1-oxacyclododec-9-en-6-yl] (2~{E},4~{E},6~{E},8~{E},10~{E},12~{S},13~{S},15~{S})-4,6,10-trimethyl-12,13,15-tris(oxidanyl)hexadeca-2,4,6,8,10-pentaenoate'
5 water water
#
loop_
_entity_poly.entity_id
_entity_poly.type
_entity_poly.pdbx_seq_one_letter_code
_entity_poly.pdbx_strand_id
1 'polypeptide(L)' MDQVMQFVEPSRQFVKDSIRLVKRCTKPDRKEFQKIAMATAIGFAIMGFIGFFVKLIHIPINNIIVGG B
2 'polypeptide(L)'
;MPGPTPSGTNVGSSGRSPSKAVAARAAGSTVRQRKNASCGTRSAGRTTSAGTGGMWRFYTEDSPGLKVGPVPVLVMSLLF
IASVFMLHIWGKYTRS
;
C
3 'polypeptide(L)'
;MAIKFLEVIKPFCVILPEIQKPERKIQFKEKVLWTAITLFIFLVCCQIPLFGIMSSDSADPFYWMRVILASNRGTLMELG
ISPIVTSGLIMQLLAGAKIIEVGDTPKDRALFNGAQKLFGMIITIGQSIVYVMTGMYGDPSEMGAGICLLITIQLFVAGL
IVLLLDELLQKGYGLGSGISLFIATNICETIVWKAFSPTTVNTGRGMEFEGAIIALFHLLATRTDKVRALREAFYRQNLP
NLMNLIATIFVFAVVIYFQGFRYELPIRSTKVRGQIGIYPIKLFYTSNIPIILQSALVSNLYVISQMLSARFSGNLLVSL
LGTWSDTSSGGPARAYPVGGLCYYLSPPESFGSVLEDPVHAVVYIVFMLGSCAFFSKTWIEVSGSSPRDIAKQFKDQGMV
INGKRETSIYRELKKIIPTAAAFGGLCIGALSVLADFLGAIGSGTGILLAVTIIYQYFEIFVKEQSEVGSMGALLF
;
A
#
loop_
_chem_comp.id
_chem_comp.type
_chem_comp.name
_chem_comp.formula
Q6B non-polymer '[(6~{S},7~{S},9~{Z},12~{R})-12-[(~{Z},2~{S},6~{R},7~{R},9~{R})-4,6-dimethyl-7,9-bis(oxidanyl)dec-4-en-2-yl]-7,9-dimethyl-2-oxidanylidene-1-oxacyclododec-9-en-6-yl] (2~{E},4~{E},6~{E},8~{E},10~{E},12~{S},13~{S},15~{S})-4,6,10-trimethyl-12,13,15-tris(oxidanyl)hexadeca-2,4,6,8,10-pentaenoate' 'C44 H70 O9'
#
# COMPACT_ATOMS: atom_id res chain seq x y z
N GLN A 6 7.35 -37.89 -9.33
CA GLN A 6 6.02 -37.37 -9.01
C GLN A 6 5.85 -35.96 -9.53
N PHE A 7 6.06 -34.97 -8.66
CA PHE A 7 5.93 -33.57 -9.02
C PHE A 7 7.24 -32.96 -9.53
N VAL A 8 8.30 -33.77 -9.66
CA VAL A 8 9.57 -33.24 -10.14
C VAL A 8 9.46 -32.79 -11.59
N GLU A 9 8.79 -33.59 -12.43
CA GLU A 9 8.64 -33.23 -13.84
C GLU A 9 7.86 -31.94 -14.05
N PRO A 10 6.71 -31.71 -13.42
CA PRO A 10 6.05 -30.40 -13.57
C PRO A 10 6.92 -29.23 -13.12
N SER A 11 7.69 -29.41 -12.04
CA SER A 11 8.56 -28.34 -11.58
C SER A 11 9.66 -28.06 -12.60
N ARG A 12 10.25 -29.11 -13.18
CA ARG A 12 11.25 -28.91 -14.22
C ARG A 12 10.65 -28.23 -15.45
N GLN A 13 9.43 -28.61 -15.81
CA GLN A 13 8.76 -27.96 -16.93
C GLN A 13 8.55 -26.47 -16.66
N PHE A 14 8.09 -26.14 -15.46
CA PHE A 14 7.90 -24.74 -15.10
C PHE A 14 9.21 -23.97 -15.11
N VAL A 15 10.28 -24.57 -14.59
CA VAL A 15 11.57 -23.91 -14.57
C VAL A 15 12.06 -23.65 -15.99
N LYS A 16 11.96 -24.65 -16.87
CA LYS A 16 12.42 -24.47 -18.24
C LYS A 16 11.59 -23.41 -18.97
N ASP A 17 10.27 -23.42 -18.75
CA ASP A 17 9.43 -22.40 -19.35
C ASP A 17 9.79 -21.00 -18.86
N SER A 18 10.08 -20.87 -17.57
CA SER A 18 10.49 -19.57 -17.02
C SER A 18 11.81 -19.12 -17.61
N ILE A 19 12.77 -20.03 -17.77
CA ILE A 19 14.06 -19.68 -18.36
C ILE A 19 13.87 -19.23 -19.80
N ARG A 20 13.05 -19.96 -20.56
CA ARG A 20 12.79 -19.55 -21.95
C ARG A 20 12.11 -18.19 -22.00
N LEU A 21 11.17 -17.95 -21.10
CA LEU A 21 10.48 -16.65 -21.07
C LEU A 21 11.47 -15.52 -20.80
N VAL A 22 12.22 -15.61 -19.71
CA VAL A 22 13.11 -14.51 -19.35
C VAL A 22 14.13 -14.26 -20.44
N LYS A 23 14.53 -15.31 -21.16
CA LYS A 23 15.45 -15.13 -22.25
C LYS A 23 14.79 -14.41 -23.40
N ARG A 24 13.54 -14.78 -23.68
CA ARG A 24 12.82 -14.18 -24.78
C ARG A 24 12.30 -12.80 -24.44
N CYS A 25 12.43 -12.40 -23.19
CA CYS A 25 11.88 -11.12 -22.78
C CYS A 25 12.76 -9.96 -23.24
N THR A 26 12.17 -8.76 -23.25
CA THR A 26 12.89 -7.54 -23.62
C THR A 26 13.45 -6.92 -22.35
N LYS A 27 14.70 -7.27 -22.04
CA LYS A 27 15.33 -6.73 -20.85
C LYS A 27 15.59 -5.24 -21.01
N PRO A 28 15.35 -4.43 -19.97
CA PRO A 28 15.61 -2.99 -20.08
C PRO A 28 17.08 -2.71 -20.31
N ASP A 29 17.35 -1.70 -21.11
CA ASP A 29 18.71 -1.20 -21.34
C ASP A 29 18.99 -0.03 -20.42
N ARG A 30 20.16 0.57 -20.55
CA ARG A 30 20.48 1.67 -19.66
C ARG A 30 19.59 2.86 -19.95
N LYS A 31 19.37 3.16 -21.23
CA LYS A 31 18.58 4.35 -21.55
C LYS A 31 17.18 4.29 -20.96
N GLU A 32 16.62 3.09 -20.81
CA GLU A 32 15.30 2.93 -20.20
C GLU A 32 15.40 2.78 -18.69
N PHE A 33 16.41 2.06 -18.20
CA PHE A 33 16.55 1.87 -16.76
C PHE A 33 16.80 3.19 -16.06
N GLN A 34 17.64 4.06 -16.66
CA GLN A 34 17.89 5.36 -16.05
C GLN A 34 16.62 6.19 -15.98
N LYS A 35 15.81 6.18 -17.04
CA LYS A 35 14.57 6.96 -17.05
C LYS A 35 13.60 6.44 -16.00
N ILE A 36 13.43 5.12 -15.92
CA ILE A 36 12.51 4.55 -14.94
C ILE A 36 13.00 4.82 -13.53
N ALA A 37 14.30 4.66 -13.28
CA ALA A 37 14.85 4.93 -11.96
C ALA A 37 14.68 6.39 -11.58
N MET A 38 14.90 7.31 -12.53
CA MET A 38 14.72 8.73 -12.25
C MET A 38 13.27 9.04 -11.92
N ALA A 39 12.32 8.47 -12.67
CA ALA A 39 10.92 8.71 -12.39
C ALA A 39 10.52 8.17 -11.02
N THR A 40 10.98 6.96 -10.70
CA THR A 40 10.67 6.38 -9.39
C THR A 40 11.29 7.19 -8.27
N ALA A 41 12.53 7.66 -8.46
CA ALA A 41 13.17 8.49 -7.45
C ALA A 41 12.41 9.80 -7.26
N ILE A 42 11.94 10.40 -8.36
CA ILE A 42 11.18 11.65 -8.25
C ILE A 42 9.89 11.43 -7.48
N GLY A 43 9.15 10.36 -7.80
CA GLY A 43 7.91 10.10 -7.09
C GLY A 43 8.12 9.78 -5.62
N PHE A 44 9.12 8.94 -5.33
CA PHE A 44 9.45 8.63 -3.95
C PHE A 44 9.86 9.87 -3.19
N ALA A 45 10.69 10.72 -3.79
CA ALA A 45 11.11 11.95 -3.14
C ALA A 45 9.90 12.84 -2.87
N ILE A 46 9.02 13.01 -3.86
CA ILE A 46 7.84 13.84 -3.68
C ILE A 46 7.05 13.37 -2.46
N MET A 47 6.58 12.13 -2.49
CA MET A 47 5.70 11.66 -1.42
C MET A 47 6.42 11.63 -0.07
N GLY A 48 7.61 11.03 -0.03
CA GLY A 48 8.31 10.88 1.23
C GLY A 48 8.70 12.20 1.85
N PHE A 49 9.21 13.14 1.05
CA PHE A 49 9.62 14.42 1.59
C PHE A 49 8.43 15.30 1.96
N ILE A 50 7.32 15.21 1.22
CA ILE A 50 6.12 15.93 1.65
C ILE A 50 5.66 15.40 3.01
N GLY A 51 5.65 14.08 3.17
CA GLY A 51 5.29 13.52 4.47
C GLY A 51 6.27 13.90 5.56
N PHE A 52 7.56 13.90 5.25
CA PHE A 52 8.59 14.25 6.21
C PHE A 52 8.43 15.69 6.69
N PHE A 53 8.20 16.62 5.75
CA PHE A 53 8.01 18.01 6.12
C PHE A 53 6.71 18.25 6.85
N VAL A 54 5.63 17.53 6.48
CA VAL A 54 4.38 17.64 7.22
C VAL A 54 4.56 17.17 8.65
N LYS A 55 5.26 16.05 8.84
CA LYS A 55 5.53 15.56 10.19
C LYS A 55 6.37 16.55 10.98
N LEU A 56 7.40 17.13 10.34
CA LEU A 56 8.23 18.12 11.02
C LEU A 56 7.39 19.33 11.44
N ILE A 57 6.50 19.79 10.57
CA ILE A 57 5.66 20.95 10.89
C ILE A 57 4.71 20.61 12.03
N HIS A 58 4.13 19.41 12.01
CA HIS A 58 3.06 19.07 12.95
C HIS A 58 3.56 18.54 14.28
N ILE A 59 4.85 18.23 14.42
CA ILE A 59 5.36 17.84 15.74
C ILE A 59 5.20 18.99 16.73
N PRO A 60 5.72 20.20 16.46
CA PRO A 60 5.48 21.30 17.40
C PRO A 60 4.02 21.66 17.53
N ILE A 61 3.24 21.55 16.45
CA ILE A 61 1.81 21.82 16.53
C ILE A 61 1.13 20.84 17.48
N ASN A 62 1.50 19.56 17.37
CA ASN A 62 0.94 18.56 18.29
C ASN A 62 1.36 18.82 19.72
N ASN A 63 2.61 19.25 19.93
CA ASN A 63 3.05 19.59 21.27
C ASN A 63 2.25 20.76 21.84
N ILE A 64 1.99 21.78 21.02
CA ILE A 64 1.24 22.95 21.51
C ILE A 64 -0.21 22.57 21.81
N ILE A 65 -0.86 21.86 20.89
CA ILE A 65 -2.27 21.53 21.11
C ILE A 65 -2.43 20.41 22.12
N VAL A 66 -1.43 19.55 22.28
CA VAL A 66 -1.50 18.45 23.22
C VAL A 66 -0.26 18.45 24.12
N GLY B 65 -28.67 15.55 -4.87
CA GLY B 65 -27.27 15.25 -4.64
C GLY B 65 -26.35 16.44 -4.90
N LEU B 66 -25.58 16.81 -3.88
CA LEU B 66 -24.66 17.93 -4.00
C LEU B 66 -23.42 17.49 -4.77
N LYS B 67 -23.11 18.19 -5.86
CA LYS B 67 -21.97 17.88 -6.71
C LYS B 67 -20.91 18.95 -6.49
N VAL B 68 -19.97 18.68 -5.59
CA VAL B 68 -18.89 19.60 -5.28
C VAL B 68 -17.70 19.30 -6.17
N GLY B 69 -16.79 20.27 -6.28
CA GLY B 69 -15.58 20.11 -7.03
C GLY B 69 -14.39 19.82 -6.13
N PRO B 70 -13.18 19.85 -6.70
CA PRO B 70 -11.99 19.57 -5.87
C PRO B 70 -11.68 20.67 -4.87
N VAL B 71 -11.86 21.93 -5.25
CA VAL B 71 -11.64 23.03 -4.31
C VAL B 71 -12.59 22.96 -3.13
N PRO B 72 -13.90 22.69 -3.30
CA PRO B 72 -14.74 22.46 -2.11
C PRO B 72 -14.27 21.29 -1.25
N VAL B 73 -13.72 20.23 -1.85
CA VAL B 73 -13.21 19.12 -1.06
C VAL B 73 -12.02 19.56 -0.21
N LEU B 74 -11.10 20.32 -0.82
CA LEU B 74 -9.96 20.84 -0.07
C LEU B 74 -10.43 21.76 1.06
N VAL B 75 -11.43 22.60 0.77
CA VAL B 75 -11.94 23.52 1.78
C VAL B 75 -12.58 22.74 2.93
N MET B 76 -13.35 21.69 2.61
CA MET B 76 -13.97 20.88 3.65
C MET B 76 -12.92 20.17 4.50
N SER B 77 -11.86 19.65 3.87
CA SER B 77 -10.79 19.00 4.62
C SER B 77 -10.11 19.99 5.55
N LEU B 78 -9.81 21.19 5.05
CA LEU B 78 -9.17 22.20 5.90
C LEU B 78 -10.09 22.63 7.03
N LEU B 79 -11.40 22.72 6.76
CA LEU B 79 -12.35 23.08 7.80
C LEU B 79 -12.45 22.01 8.87
N PHE B 80 -12.40 20.73 8.48
CA PHE B 80 -12.41 19.66 9.46
C PHE B 80 -11.13 19.69 10.30
N ILE B 81 -9.99 19.95 9.66
CA ILE B 81 -8.73 20.08 10.39
C ILE B 81 -8.82 21.22 11.40
N ALA B 82 -9.37 22.37 10.97
CA ALA B 82 -9.53 23.50 11.88
C ALA B 82 -10.50 23.18 13.01
N SER B 83 -11.56 22.42 12.71
CA SER B 83 -12.50 22.04 13.76
C SER B 83 -11.85 21.15 14.80
N VAL B 84 -11.02 20.20 14.36
CA VAL B 84 -10.30 19.35 15.31
C VAL B 84 -9.33 20.19 16.14
N PHE B 85 -8.64 21.13 15.51
CA PHE B 85 -7.73 22.00 16.23
C PHE B 85 -8.47 22.85 17.27
N MET B 86 -9.64 23.38 16.90
CA MET B 86 -10.43 24.17 17.85
C MET B 86 -10.96 23.30 18.98
N LEU B 87 -11.32 22.05 18.70
CA LEU B 87 -11.72 21.14 19.76
C LEU B 87 -10.57 20.91 20.74
N HIS B 88 -9.37 20.69 20.22
CA HIS B 88 -8.21 20.51 21.11
C HIS B 88 -7.94 21.77 21.92
N ILE B 89 -8.03 22.94 21.30
CA ILE B 89 -7.78 24.19 22.01
C ILE B 89 -8.84 24.43 23.07
N TRP B 90 -10.11 24.12 22.76
CA TRP B 90 -11.17 24.28 23.74
C TRP B 90 -10.98 23.34 24.92
N GLY B 91 -10.58 22.10 24.66
CA GLY B 91 -10.27 21.19 25.75
C GLY B 91 -9.12 21.68 26.61
N LYS B 92 -8.06 22.16 25.97
CA LYS B 92 -6.91 22.68 26.72
C LYS B 92 -7.29 23.88 27.56
N TYR B 93 -8.15 24.76 27.04
CA TYR B 93 -8.53 25.96 27.76
C TYR B 93 -9.53 25.67 28.88
N THR B 94 -10.42 24.70 28.70
CA THR B 94 -11.32 24.34 29.78
C THR B 94 -10.62 23.52 30.85
N ARG B 95 -9.51 22.85 30.51
CA ARG B 95 -8.69 22.25 31.54
C ARG B 95 -7.99 23.32 32.38
N SER B 96 -7.55 24.40 31.75
CA SER B 96 -6.89 25.50 32.45
C SER B 96 -7.90 26.54 32.92
N LEU C 6 -32.20 0.92 -5.87
CA LEU C 6 -33.60 1.32 -5.76
C LEU C 6 -34.11 1.11 -4.34
N GLU C 7 -35.07 0.21 -4.21
CA GLU C 7 -35.65 -0.23 -2.93
C GLU C 7 -36.01 1.00 -2.09
N VAL C 8 -35.85 0.90 -0.77
CA VAL C 8 -36.01 2.05 0.11
C VAL C 8 -34.71 2.80 0.31
N ILE C 9 -33.61 2.35 -0.30
CA ILE C 9 -32.32 3.01 -0.14
C ILE C 9 -32.12 4.15 -1.13
N LYS C 10 -33.03 4.30 -2.10
CA LYS C 10 -32.96 5.43 -3.03
C LYS C 10 -32.86 6.79 -2.36
N PRO C 11 -33.69 7.13 -1.35
CA PRO C 11 -33.54 8.46 -0.73
C PRO C 11 -32.19 8.68 -0.07
N PHE C 12 -31.58 7.65 0.52
CA PHE C 12 -30.37 7.85 1.31
C PHE C 12 -29.09 7.85 0.49
N CYS C 13 -29.15 7.47 -0.80
CA CYS C 13 -27.96 7.42 -1.62
C CYS C 13 -27.67 8.74 -2.33
N VAL C 14 -28.45 9.78 -2.06
CA VAL C 14 -28.26 11.08 -2.69
C VAL C 14 -28.11 12.15 -1.62
N ILE C 15 -27.61 11.76 -0.45
CA ILE C 15 -27.42 12.70 0.65
C ILE C 15 -25.95 13.08 0.83
N LEU C 16 -25.02 12.14 0.70
CA LEU C 16 -23.60 12.41 0.87
C LEU C 16 -23.07 13.23 -0.31
N PRO C 17 -22.02 14.02 -0.09
CA PRO C 17 -21.46 14.82 -1.18
C PRO C 17 -20.90 13.94 -2.29
N GLU C 18 -20.98 14.45 -3.51
CA GLU C 18 -20.49 13.74 -4.69
C GLU C 18 -19.57 14.67 -5.48
N ILE C 19 -18.57 14.09 -6.11
CA ILE C 19 -17.59 14.86 -6.89
C ILE C 19 -18.07 14.93 -8.33
N GLN C 20 -18.22 16.14 -8.86
CA GLN C 20 -18.65 16.32 -10.22
C GLN C 20 -17.55 15.94 -11.20
N LYS C 21 -17.95 15.62 -12.43
CA LYS C 21 -16.99 15.30 -13.47
C LYS C 21 -16.15 16.54 -13.79
N PRO C 22 -14.88 16.37 -14.17
CA PRO C 22 -14.02 17.52 -14.46
C PRO C 22 -14.39 18.28 -15.73
N GLU C 23 -15.47 17.89 -16.42
CA GLU C 23 -15.96 18.57 -17.61
C GLU C 23 -14.93 18.52 -18.73
N ARG C 24 -13.82 19.24 -18.57
CA ARG C 24 -12.74 19.20 -19.54
C ARG C 24 -11.87 17.97 -19.29
N LYS C 25 -10.74 17.89 -19.97
CA LYS C 25 -9.75 16.85 -19.76
C LYS C 25 -8.57 17.46 -19.00
N ILE C 26 -8.39 17.04 -17.75
CA ILE C 26 -7.36 17.62 -16.90
C ILE C 26 -5.99 17.22 -17.43
N GLN C 27 -5.12 18.21 -17.61
CA GLN C 27 -3.77 17.95 -18.10
C GLN C 27 -2.95 17.25 -17.02
N PHE C 28 -1.87 16.59 -17.47
CA PHE C 28 -1.08 15.77 -16.55
C PHE C 28 -0.45 16.62 -15.43
N LYS C 29 -0.03 17.85 -15.74
CA LYS C 29 0.54 18.70 -14.71
C LYS C 29 -0.50 19.02 -13.63
N GLU C 30 -1.73 19.34 -14.03
CA GLU C 30 -2.78 19.62 -13.07
C GLU C 30 -3.18 18.35 -12.31
N LYS C 31 -3.17 17.19 -12.97
CA LYS C 31 -3.46 15.95 -12.28
C LYS C 31 -2.40 15.66 -11.22
N VAL C 32 -1.12 15.91 -11.55
CA VAL C 32 -0.05 15.74 -10.58
C VAL C 32 -0.22 16.69 -9.42
N LEU C 33 -0.57 17.95 -9.71
CA LEU C 33 -0.79 18.92 -8.65
C LEU C 33 -1.93 18.51 -7.73
N TRP C 34 -3.03 18.02 -8.30
CA TRP C 34 -4.16 17.60 -7.48
C TRP C 34 -3.83 16.36 -6.66
N THR C 35 -3.06 15.44 -7.24
CA THR C 35 -2.60 14.28 -6.48
C THR C 35 -1.71 14.70 -5.32
N ALA C 36 -0.83 15.68 -5.56
CA ALA C 36 0.02 16.20 -4.49
C ALA C 36 -0.82 16.84 -3.38
N ILE C 37 -1.84 17.60 -3.76
CA ILE C 37 -2.72 18.21 -2.76
C ILE C 37 -3.47 17.14 -1.97
N THR C 38 -3.94 16.11 -2.66
CA THR C 38 -4.65 15.02 -1.99
C THR C 38 -3.76 14.31 -0.98
N LEU C 39 -2.53 13.97 -1.38
CA LEU C 39 -1.62 13.31 -0.45
C LEU C 39 -1.19 14.24 0.68
N PHE C 40 -1.08 15.53 0.40
CA PHE C 40 -0.78 16.50 1.46
C PHE C 40 -1.89 16.53 2.50
N ILE C 41 -3.15 16.55 2.04
CA ILE C 41 -4.27 16.53 2.97
C ILE C 41 -4.27 15.24 3.78
N PHE C 42 -4.02 14.11 3.11
CA PHE C 42 -3.99 12.83 3.81
C PHE C 42 -2.90 12.81 4.88
N LEU C 43 -1.70 13.30 4.55
CA LEU C 43 -0.62 13.32 5.52
C LEU C 43 -0.91 14.27 6.68
N VAL C 44 -1.43 15.46 6.38
CA VAL C 44 -1.73 16.42 7.44
C VAL C 44 -2.75 15.84 8.40
N CYS C 45 -3.80 15.20 7.88
CA CYS C 45 -4.76 14.55 8.76
C CYS C 45 -4.15 13.34 9.46
N CYS C 46 -3.15 12.69 8.84
CA CYS C 46 -2.44 11.60 9.51
C CYS C 46 -1.63 12.09 10.70
N GLN C 47 -1.20 13.35 10.69
CA GLN C 47 -0.39 13.87 11.80
C GLN C 47 -1.20 14.57 12.87
N ILE C 48 -2.52 14.67 12.74
CA ILE C 48 -3.37 15.37 13.70
C ILE C 48 -4.01 14.33 14.61
N PRO C 49 -3.74 14.34 15.91
CA PRO C 49 -4.31 13.33 16.80
C PRO C 49 -5.80 13.56 17.04
N LEU C 50 -6.48 12.49 17.42
CA LEU C 50 -7.89 12.56 17.78
C LEU C 50 -8.06 13.27 19.11
N PHE C 51 -9.29 13.72 19.36
CA PHE C 51 -9.64 14.40 20.60
C PHE C 51 -10.42 13.45 21.51
N GLY C 52 -10.08 13.45 22.79
CA GLY C 52 -10.71 12.61 23.78
C GLY C 52 -9.94 11.36 24.14
N ILE C 53 -8.78 11.13 23.53
CA ILE C 53 -7.96 9.96 23.82
C ILE C 53 -7.36 10.13 25.21
N MET C 54 -7.74 9.25 26.13
CA MET C 54 -7.18 9.32 27.48
C MET C 54 -5.73 8.89 27.51
N SER C 55 -5.41 7.78 26.86
CA SER C 55 -4.04 7.25 26.88
C SER C 55 -3.79 6.40 25.65
N SER C 56 -2.59 6.55 25.07
CA SER C 56 -2.15 5.72 23.95
C SER C 56 -1.03 4.77 24.38
N ASP C 57 -0.98 4.43 25.66
CA ASP C 57 0.08 3.59 26.21
C ASP C 57 -0.21 2.10 26.06
N SER C 58 -1.36 1.73 25.51
CA SER C 58 -1.71 0.34 25.32
C SER C 58 -0.96 -0.22 24.11
N ALA C 59 -1.24 -1.47 23.77
CA ALA C 59 -0.64 -2.11 22.60
C ALA C 59 -1.63 -2.06 21.44
N ASP C 60 -1.16 -1.62 20.28
CA ASP C 60 -2.00 -1.43 19.10
C ASP C 60 -2.55 -2.76 18.62
N PRO C 61 -3.86 -2.98 18.72
CA PRO C 61 -4.45 -4.23 18.19
C PRO C 61 -4.35 -4.34 16.68
N PHE C 62 -4.28 -3.23 15.96
CA PHE C 62 -4.24 -3.22 14.50
C PHE C 62 -2.90 -2.71 14.00
N TYR C 63 -1.81 -3.01 14.72
CA TYR C 63 -0.49 -2.55 14.31
C TYR C 63 -0.08 -3.15 12.97
N TRP C 64 -0.48 -4.40 12.71
CA TRP C 64 -0.10 -5.07 11.48
C TRP C 64 -0.91 -4.62 10.27
N MET C 65 -2.01 -3.88 10.48
CA MET C 65 -2.78 -3.31 9.38
C MET C 65 -2.55 -1.81 9.25
N ARG C 66 -1.37 -1.33 9.65
CA ARG C 66 -1.05 0.09 9.52
C ARG C 66 -0.33 0.41 8.22
N VAL C 67 0.28 -0.58 7.58
CA VAL C 67 0.93 -0.39 6.29
C VAL C 67 -0.02 -0.72 5.14
N ILE C 68 -0.81 -1.79 5.28
CA ILE C 68 -1.73 -2.19 4.22
C ILE C 68 -2.98 -1.32 4.21
N LEU C 69 -3.26 -0.60 5.29
CA LEU C 69 -4.40 0.31 5.34
C LEU C 69 -4.01 1.77 5.40
N ALA C 70 -2.71 2.07 5.37
CA ALA C 70 -2.21 3.45 5.41
C ALA C 70 -2.75 4.20 6.63
N SER C 71 -2.80 3.52 7.76
CA SER C 71 -3.37 4.05 8.98
C SER C 71 -2.29 4.64 9.89
N ASN C 72 -2.75 5.34 10.93
CA ASN C 72 -1.85 5.89 11.94
C ASN C 72 -2.63 5.93 13.25
N ARG C 73 -2.11 5.28 14.28
CA ARG C 73 -2.86 5.11 15.52
C ARG C 73 -3.02 6.44 16.24
N GLY C 74 -4.22 6.67 16.75
CA GLY C 74 -4.50 7.84 17.57
C GLY C 74 -4.70 9.13 16.82
N THR C 75 -4.72 9.10 15.49
CA THR C 75 -4.86 10.29 14.68
C THR C 75 -6.17 10.24 13.90
N LEU C 76 -6.38 11.26 13.06
CA LEU C 76 -7.61 11.34 12.27
C LEU C 76 -7.70 10.23 11.23
N MET C 77 -6.58 9.69 10.79
CA MET C 77 -6.53 8.57 9.86
C MET C 77 -6.25 7.25 10.56
N GLU C 78 -6.85 7.08 11.74
CA GLU C 78 -6.79 5.80 12.43
C GLU C 78 -7.30 4.67 11.54
N LEU C 79 -8.35 4.95 10.76
CA LEU C 79 -8.88 3.96 9.83
C LEU C 79 -8.10 3.92 8.52
N GLY C 80 -7.51 5.04 8.12
CA GLY C 80 -6.75 5.06 6.88
C GLY C 80 -7.65 4.91 5.67
N ILE C 81 -7.35 3.93 4.83
CA ILE C 81 -8.08 3.70 3.59
C ILE C 81 -9.17 2.66 3.83
N SER C 82 -9.48 2.41 5.11
CA SER C 82 -10.50 1.42 5.44
C SER C 82 -11.87 1.69 4.80
N PRO C 83 -12.39 2.93 4.78
CA PRO C 83 -13.70 3.13 4.12
C PRO C 83 -13.72 2.67 2.66
N ILE C 84 -12.66 2.97 1.91
CA ILE C 84 -12.63 2.59 0.49
C ILE C 84 -12.65 1.07 0.34
N VAL C 85 -11.80 0.39 1.11
CA VAL C 85 -11.71 -1.07 1.01
C VAL C 85 -13.03 -1.70 1.40
N THR C 86 -13.62 -1.23 2.50
CA THR C 86 -14.88 -1.81 2.97
C THR C 86 -16.01 -1.58 1.97
N SER C 87 -16.12 -0.36 1.42
CA SER C 87 -17.16 -0.09 0.44
C SER C 87 -16.98 -0.95 -0.80
N GLY C 88 -15.74 -1.04 -1.30
CA GLY C 88 -15.49 -1.87 -2.47
C GLY C 88 -15.83 -3.33 -2.22
N LEU C 89 -15.42 -3.85 -1.06
CA LEU C 89 -15.69 -5.26 -0.75
C LEU C 89 -17.18 -5.53 -0.63
N ILE C 90 -17.91 -4.66 0.08
CA ILE C 90 -19.34 -4.91 0.26
C ILE C 90 -20.08 -4.78 -1.07
N MET C 91 -19.67 -3.84 -1.92
CA MET C 91 -20.36 -3.70 -3.20
C MET C 91 -20.04 -4.85 -4.13
N GLN C 92 -18.80 -5.36 -4.10
CA GLN C 92 -18.48 -6.56 -4.87
C GLN C 92 -19.27 -7.76 -4.37
N LEU C 93 -19.43 -7.88 -3.06
CA LEU C 93 -20.22 -8.97 -2.50
C LEU C 93 -21.67 -8.88 -2.95
N LEU C 94 -22.24 -7.66 -2.95
CA LEU C 94 -23.62 -7.49 -3.38
C LEU C 94 -23.78 -7.76 -4.88
N ALA C 95 -22.82 -7.31 -5.68
CA ALA C 95 -22.92 -7.51 -7.13
C ALA C 95 -22.76 -8.98 -7.50
N GLY C 96 -21.82 -9.69 -6.85
CA GLY C 96 -21.65 -11.10 -7.13
C GLY C 96 -22.87 -11.92 -6.76
N ALA C 97 -23.49 -11.62 -5.63
CA ALA C 97 -24.70 -12.30 -5.21
C ALA C 97 -25.96 -11.71 -5.84
N LYS C 98 -25.83 -10.64 -6.62
CA LYS C 98 -26.85 -10.07 -7.51
C LYS C 98 -28.03 -9.41 -6.80
N ILE C 99 -27.93 -9.11 -5.50
CA ILE C 99 -29.01 -8.36 -4.86
C ILE C 99 -29.09 -6.95 -5.41
N ILE C 100 -27.95 -6.26 -5.48
CA ILE C 100 -27.88 -4.88 -5.95
C ILE C 100 -26.85 -4.83 -7.07
N GLU C 101 -27.31 -4.57 -8.30
CA GLU C 101 -26.43 -4.49 -9.45
C GLU C 101 -26.49 -3.11 -10.09
N LYS C 107 -28.37 6.55 -14.81
CA LYS C 107 -28.67 6.74 -13.40
C LYS C 107 -28.19 5.56 -12.56
N ASP C 108 -27.86 4.45 -13.24
CA ASP C 108 -27.38 3.27 -12.54
C ASP C 108 -26.02 3.54 -11.88
N ARG C 109 -25.14 4.27 -12.58
CA ARG C 109 -23.83 4.58 -12.00
C ARG C 109 -23.96 5.48 -10.78
N ALA C 110 -24.85 6.47 -10.83
CA ALA C 110 -25.06 7.35 -9.70
C ALA C 110 -25.62 6.58 -8.51
N LEU C 111 -26.58 5.68 -8.75
CA LEU C 111 -27.11 4.86 -7.68
C LEU C 111 -26.04 3.96 -7.09
N PHE C 112 -25.19 3.38 -7.93
CA PHE C 112 -24.11 2.53 -7.45
C PHE C 112 -23.14 3.32 -6.58
N ASN C 113 -22.78 4.53 -7.01
CA ASN C 113 -21.87 5.35 -6.23
C ASN C 113 -22.49 5.77 -4.90
N GLY C 114 -23.76 6.17 -4.91
CA GLY C 114 -24.41 6.53 -3.67
C GLY C 114 -24.50 5.35 -2.71
N ALA C 115 -24.84 4.17 -3.22
CA ALA C 115 -24.91 2.99 -2.37
C ALA C 115 -23.55 2.62 -1.81
N GLN C 116 -22.50 2.70 -2.63
CA GLN C 116 -21.16 2.36 -2.12
C GLN C 116 -20.72 3.37 -1.06
N LYS C 117 -21.02 4.65 -1.26
CA LYS C 117 -20.68 5.64 -0.24
C LYS C 117 -21.42 5.36 1.06
N LEU C 118 -22.73 5.09 0.98
CA LEU C 118 -23.51 4.86 2.19
C LEU C 118 -23.03 3.62 2.93
N PHE C 119 -22.79 2.52 2.20
CA PHE C 119 -22.33 1.30 2.83
C PHE C 119 -20.94 1.47 3.41
N GLY C 120 -20.04 2.16 2.70
CA GLY C 120 -18.72 2.41 3.22
C GLY C 120 -18.76 3.24 4.49
N MET C 121 -19.65 4.23 4.56
CA MET C 121 -19.73 5.06 5.75
C MET C 121 -20.35 4.30 6.92
N ILE C 122 -21.32 3.42 6.63
CA ILE C 122 -21.91 2.61 7.70
C ILE C 122 -20.85 1.66 8.27
N ILE C 123 -20.09 1.00 7.39
CA ILE C 123 -19.02 0.14 7.87
C ILE C 123 -17.94 0.95 8.57
N THR C 124 -17.74 2.20 8.16
CA THR C 124 -16.79 3.06 8.85
C THR C 124 -17.25 3.36 10.28
N ILE C 125 -18.54 3.61 10.46
CA ILE C 125 -19.07 3.80 11.81
C ILE C 125 -18.90 2.54 12.64
N GLY C 126 -19.21 1.39 12.06
CA GLY C 126 -19.02 0.14 12.78
C GLY C 126 -17.58 -0.11 13.15
N GLN C 127 -16.66 0.18 12.23
CA GLN C 127 -15.23 0.02 12.49
C GLN C 127 -14.76 0.98 13.57
N SER C 128 -15.27 2.21 13.57
CA SER C 128 -14.92 3.15 14.63
C SER C 128 -15.39 2.65 15.99
N ILE C 129 -16.61 2.10 16.04
CA ILE C 129 -17.11 1.54 17.29
C ILE C 129 -16.23 0.38 17.75
N VAL C 130 -15.85 -0.49 16.81
CA VAL C 130 -14.99 -1.63 17.14
C VAL C 130 -13.65 -1.15 17.67
N TYR C 131 -13.06 -0.15 17.01
CA TYR C 131 -11.77 0.38 17.42
C TYR C 131 -11.86 0.99 18.83
N VAL C 132 -12.93 1.72 19.11
CA VAL C 132 -13.12 2.27 20.45
C VAL C 132 -13.23 1.16 21.48
N MET C 133 -13.98 0.10 21.16
CA MET C 133 -14.20 -0.99 22.09
C MET C 133 -13.00 -1.92 22.23
N THR C 134 -12.01 -1.83 21.35
CA THR C 134 -10.84 -2.70 21.44
C THR C 134 -9.96 -2.40 22.64
N GLY C 135 -10.20 -1.31 23.35
CA GLY C 135 -9.41 -0.92 24.50
C GLY C 135 -8.47 0.23 24.26
N MET C 136 -8.19 0.55 23.00
CA MET C 136 -7.35 1.70 22.70
C MET C 136 -8.08 3.00 23.07
N TYR C 137 -7.30 4.07 23.19
CA TYR C 137 -7.72 5.38 23.69
C TYR C 137 -8.07 5.34 25.17
N GLY C 138 -7.79 4.24 25.86
CA GLY C 138 -8.22 4.04 27.22
C GLY C 138 -9.49 3.20 27.29
N ASP C 139 -9.88 2.89 28.52
CA ASP C 139 -11.08 2.07 28.73
C ASP C 139 -12.31 2.85 28.30
N PRO C 140 -13.18 2.26 27.47
CA PRO C 140 -14.33 3.01 26.93
C PRO C 140 -15.36 3.41 27.98
N SER C 141 -15.18 3.04 29.24
CA SER C 141 -16.12 3.45 30.28
C SER C 141 -15.67 4.75 30.97
N GLU C 142 -14.37 4.94 31.14
CA GLU C 142 -13.89 6.18 31.73
C GLU C 142 -14.02 7.36 30.78
N MET C 143 -13.87 7.12 29.48
CA MET C 143 -14.07 8.18 28.50
C MET C 143 -15.51 8.67 28.52
N GLY C 144 -16.46 7.74 28.60
CA GLY C 144 -17.86 8.09 28.61
C GLY C 144 -18.49 8.06 27.23
N ALA C 145 -19.82 8.04 27.22
CA ALA C 145 -20.57 7.98 25.96
C ALA C 145 -20.32 9.23 25.12
N GLY C 146 -20.20 10.39 25.77
CA GLY C 146 -19.93 11.60 25.02
C GLY C 146 -18.61 11.56 24.29
N ILE C 147 -17.55 11.13 24.98
CA ILE C 147 -16.23 11.06 24.34
C ILE C 147 -16.21 9.98 23.27
N CYS C 148 -16.86 8.84 23.52
CA CYS C 148 -16.92 7.79 22.51
C CYS C 148 -17.65 8.28 21.26
N LEU C 149 -18.76 8.99 21.44
CA LEU C 149 -19.50 9.52 20.30
C LEU C 149 -18.68 10.59 19.57
N LEU C 150 -17.94 11.42 20.31
CA LEU C 150 -17.10 12.42 19.66
C LEU C 150 -16.00 11.78 18.82
N ILE C 151 -15.36 10.74 19.35
CA ILE C 151 -14.35 10.03 18.58
C ILE C 151 -14.96 9.38 17.35
N THR C 152 -16.14 8.78 17.51
CA THR C 152 -16.82 8.16 16.39
C THR C 152 -17.17 9.19 15.31
N ILE C 153 -17.62 10.38 15.73
CA ILE C 153 -17.95 11.43 14.78
C ILE C 153 -16.71 11.91 14.05
N GLN C 154 -15.60 12.09 14.77
CA GLN C 154 -14.36 12.50 14.12
C GLN C 154 -13.90 11.47 13.10
N LEU C 155 -13.98 10.18 13.46
CA LEU C 155 -13.59 9.13 12.51
C LEU C 155 -14.57 9.06 11.34
N PHE C 156 -15.85 9.34 11.58
CA PHE C 156 -16.84 9.38 10.50
C PHE C 156 -16.50 10.46 9.50
N VAL C 157 -16.20 11.67 9.98
CA VAL C 157 -15.86 12.77 9.08
C VAL C 157 -14.55 12.49 8.37
N ALA C 158 -13.58 11.87 9.06
CA ALA C 158 -12.33 11.51 8.42
C ALA C 158 -12.53 10.48 7.31
N GLY C 159 -13.39 9.49 7.56
CA GLY C 159 -13.70 8.53 6.51
C GLY C 159 -14.42 9.15 5.33
N LEU C 160 -15.32 10.09 5.61
CA LEU C 160 -15.97 10.84 4.53
C LEU C 160 -14.95 11.61 3.70
N ILE C 161 -13.98 12.24 4.36
CA ILE C 161 -12.94 12.96 3.66
C ILE C 161 -12.08 12.01 2.83
N VAL C 162 -11.79 10.83 3.37
CA VAL C 162 -11.01 9.85 2.63
C VAL C 162 -11.76 9.41 1.38
N LEU C 163 -13.06 9.16 1.51
CA LEU C 163 -13.86 8.78 0.35
C LEU C 163 -13.90 9.91 -0.67
N LEU C 164 -14.05 11.15 -0.21
CA LEU C 164 -14.07 12.29 -1.13
C LEU C 164 -12.75 12.42 -1.87
N LEU C 165 -11.64 12.21 -1.17
CA LEU C 165 -10.33 12.26 -1.82
C LEU C 165 -10.16 11.13 -2.82
N ASP C 166 -10.66 9.94 -2.48
CA ASP C 166 -10.60 8.82 -3.41
C ASP C 166 -11.37 9.10 -4.69
N GLU C 167 -12.58 9.65 -4.57
CA GLU C 167 -13.32 10.03 -5.77
C GLU C 167 -12.64 11.18 -6.50
N LEU C 168 -12.03 12.13 -5.78
CA LEU C 168 -11.28 13.18 -6.44
C LEU C 168 -10.18 12.59 -7.31
N LEU C 169 -9.50 11.56 -6.82
CA LEU C 169 -8.46 10.90 -7.60
C LEU C 169 -9.05 10.09 -8.77
N GLN C 170 -10.19 9.43 -8.55
CA GLN C 170 -10.69 8.46 -9.52
C GLN C 170 -11.62 9.06 -10.57
N LYS C 171 -12.15 10.27 -10.38
CA LYS C 171 -13.04 10.87 -11.35
C LYS C 171 -12.30 11.67 -12.42
N GLY C 172 -10.97 11.75 -12.35
CA GLY C 172 -10.18 12.41 -13.35
C GLY C 172 -9.42 13.64 -12.88
N TYR C 173 -9.61 14.07 -11.64
CA TYR C 173 -8.85 15.21 -11.13
C TYR C 173 -7.42 14.85 -10.78
N GLY C 174 -7.19 13.60 -10.34
CA GLY C 174 -5.87 13.15 -9.97
C GLY C 174 -5.52 11.83 -10.65
N LEU C 175 -4.34 11.33 -10.31
CA LEU C 175 -3.81 10.11 -10.88
C LEU C 175 -4.05 8.93 -9.95
N GLY C 176 -4.31 7.76 -10.53
CA GLY C 176 -4.46 6.55 -9.75
C GLY C 176 -5.70 6.56 -8.88
N SER C 177 -5.61 5.90 -7.73
CA SER C 177 -6.71 5.79 -6.78
C SER C 177 -6.21 6.16 -5.39
N GLY C 178 -7.16 6.27 -4.46
CA GLY C 178 -6.80 6.64 -3.10
C GLY C 178 -6.00 5.56 -2.39
N ILE C 179 -6.35 4.29 -2.62
CA ILE C 179 -5.70 3.19 -1.89
C ILE C 179 -4.21 3.16 -2.19
N SER C 180 -3.85 3.08 -3.47
CA SER C 180 -2.45 2.98 -3.85
C SER C 180 -1.68 4.24 -3.47
N LEU C 181 -2.27 5.41 -3.73
CA LEU C 181 -1.58 6.66 -3.41
C LEU C 181 -1.29 6.77 -1.93
N PHE C 182 -2.27 6.47 -1.08
CA PHE C 182 -2.08 6.61 0.35
C PHE C 182 -1.11 5.56 0.89
N ILE C 183 -1.19 4.33 0.40
CA ILE C 183 -0.26 3.29 0.86
C ILE C 183 1.17 3.66 0.49
N ALA C 184 1.38 4.06 -0.77
CA ALA C 184 2.71 4.44 -1.22
C ALA C 184 3.21 5.66 -0.47
N THR C 185 2.33 6.63 -0.22
CA THR C 185 2.72 7.83 0.50
C THR C 185 3.16 7.50 1.92
N ASN C 186 2.41 6.63 2.61
CA ASN C 186 2.79 6.25 3.95
C ASN C 186 4.12 5.50 3.96
N ILE C 187 4.33 4.60 3.01
CA ILE C 187 5.59 3.84 2.97
C ILE C 187 6.76 4.78 2.70
N CYS C 188 6.61 5.69 1.73
CA CYS C 188 7.67 6.63 1.41
C CYS C 188 7.96 7.56 2.57
N GLU C 189 6.91 8.02 3.26
CA GLU C 189 7.10 8.87 4.43
C GLU C 189 7.85 8.12 5.52
N THR C 190 7.52 6.85 5.74
CA THR C 190 8.23 6.07 6.74
C THR C 190 9.71 5.92 6.38
N ILE C 191 10.00 5.62 5.11
CA ILE C 191 11.39 5.45 4.70
C ILE C 191 12.16 6.76 4.84
N VAL C 192 11.57 7.87 4.39
CA VAL C 192 12.26 9.15 4.46
C VAL C 192 12.45 9.59 5.91
N TRP C 193 11.48 9.29 6.77
CA TRP C 193 11.65 9.59 8.19
C TRP C 193 12.78 8.77 8.79
N LYS C 194 12.80 7.46 8.53
CA LYS C 194 13.90 6.64 9.04
C LYS C 194 15.25 7.00 8.45
N ALA C 195 15.26 7.71 7.32
CA ALA C 195 16.52 8.17 6.72
C ALA C 195 16.93 9.58 7.13
N PHE C 196 16.00 10.41 7.58
CA PHE C 196 16.32 11.82 7.81
C PHE C 196 15.69 12.40 9.09
N SER C 197 15.19 11.58 10.00
CA SER C 197 14.52 12.12 11.17
C SER C 197 15.51 12.85 12.07
N PRO C 198 15.13 13.99 12.64
CA PRO C 198 15.98 14.70 13.59
C PRO C 198 15.77 14.31 15.04
N THR C 199 14.86 13.37 15.33
CA THR C 199 14.62 12.96 16.69
C THR C 199 15.88 12.31 17.28
N THR C 200 16.23 12.72 18.49
CA THR C 200 17.43 12.24 19.17
C THR C 200 17.04 11.39 20.37
N VAL C 201 17.62 10.19 20.45
CA VAL C 201 17.42 9.27 21.57
C VAL C 201 18.74 9.12 22.30
N ASN C 202 18.71 9.36 23.61
CA ASN C 202 19.91 9.31 24.44
C ASN C 202 19.84 8.09 25.35
N THR C 203 20.84 7.22 25.25
CA THR C 203 20.93 6.02 26.09
C THR C 203 22.19 6.05 26.95
N GLY C 204 22.68 7.26 27.25
CA GLY C 204 23.89 7.46 28.03
C GLY C 204 25.13 7.70 27.19
N ARG C 205 25.20 7.12 26.00
CA ARG C 205 26.33 7.35 25.11
C ARG C 205 26.37 8.80 24.64
N GLY C 206 25.22 9.36 24.33
CA GLY C 206 25.13 10.73 23.85
C GLY C 206 23.93 10.90 22.94
N MET C 207 23.83 12.09 22.37
CA MET C 207 22.75 12.39 21.44
C MET C 207 22.95 11.60 20.15
N GLU C 208 21.90 10.89 19.72
CA GLU C 208 21.96 10.05 18.53
C GLU C 208 20.69 10.26 17.74
N PHE C 209 20.83 10.82 16.54
CA PHE C 209 19.67 11.05 15.69
C PHE C 209 19.11 9.74 15.17
N GLU C 210 17.78 9.66 15.08
CA GLU C 210 17.14 8.44 14.57
C GLU C 210 17.40 8.28 13.08
N GLY C 211 17.36 9.38 12.32
CA GLY C 211 17.65 9.33 10.90
C GLY C 211 19.06 8.84 10.62
N ALA C 212 19.19 7.89 9.69
CA ALA C 212 20.48 7.25 9.47
C ALA C 212 21.53 8.23 8.94
N ILE C 213 21.15 9.06 7.96
CA ILE C 213 22.10 9.99 7.37
C ILE C 213 22.45 11.11 8.36
N ILE C 214 21.44 11.63 9.06
CA ILE C 214 21.70 12.65 10.08
C ILE C 214 22.55 12.07 11.19
N ALA C 215 22.30 10.81 11.57
CA ALA C 215 23.13 10.17 12.58
C ALA C 215 24.56 10.01 12.09
N LEU C 216 24.74 9.65 10.82
CA LEU C 216 26.09 9.55 10.26
C LEU C 216 26.82 10.89 10.35
N PHE C 217 26.13 11.96 9.94
CA PHE C 217 26.76 13.29 9.98
C PHE C 217 27.11 13.69 11.41
N HIS C 218 26.18 13.47 12.36
CA HIS C 218 26.45 13.84 13.74
C HIS C 218 27.58 13.01 14.34
N LEU C 219 27.62 11.71 14.04
CA LEU C 219 28.68 10.85 14.54
C LEU C 219 30.03 11.27 13.98
N LEU C 220 30.08 11.61 12.69
CA LEU C 220 31.32 12.07 12.10
C LEU C 220 31.77 13.40 12.69
N ALA C 221 30.83 14.31 12.95
CA ALA C 221 31.19 15.63 13.45
C ALA C 221 31.66 15.57 14.89
N THR C 222 30.94 14.84 15.75
CA THR C 222 31.22 14.89 17.19
C THR C 222 32.30 13.92 17.62
N ARG C 223 32.21 12.65 17.21
CA ARG C 223 33.14 11.64 17.70
C ARG C 223 34.56 11.91 17.22
N THR C 224 35.52 11.71 18.11
CA THR C 224 36.92 11.92 17.76
C THR C 224 37.48 10.76 16.93
N ASP C 225 36.93 9.57 17.08
CA ASP C 225 37.37 8.39 16.32
C ASP C 225 36.42 8.23 15.13
N LYS C 226 36.90 8.61 13.96
CA LYS C 226 36.05 8.61 12.76
C LYS C 226 35.74 7.20 12.30
N VAL C 227 36.67 6.25 12.46
CA VAL C 227 36.40 4.87 12.07
C VAL C 227 35.32 4.28 12.95
N ARG C 228 35.40 4.51 14.26
CA ARG C 228 34.36 4.01 15.17
C ARG C 228 33.02 4.66 14.87
N ALA C 229 33.02 5.96 14.57
CA ALA C 229 31.77 6.63 14.20
C ALA C 229 31.17 6.02 12.94
N LEU C 230 32.01 5.73 11.94
CA LEU C 230 31.53 5.13 10.71
C LEU C 230 30.94 3.75 10.99
N ARG C 231 31.63 2.95 11.80
CA ARG C 231 31.12 1.61 12.12
C ARG C 231 29.79 1.70 12.88
N GLU C 232 29.70 2.59 13.85
CA GLU C 232 28.49 2.71 14.67
C GLU C 232 27.35 3.41 13.94
N ALA C 233 27.62 4.10 12.83
CA ALA C 233 26.56 4.67 12.01
C ALA C 233 26.15 3.76 10.86
N PHE C 234 27.02 2.84 10.44
CA PHE C 234 26.69 1.93 9.35
C PHE C 234 26.06 0.63 9.87
N TYR C 235 26.57 0.08 10.97
CA TYR C 235 26.06 -1.16 11.53
C TYR C 235 25.23 -0.95 12.80
N ARG C 236 24.62 0.22 12.94
CA ARG C 236 23.83 0.51 14.13
C ARG C 236 22.60 -0.39 14.21
N GLN C 237 22.30 -0.86 15.43
CA GLN C 237 21.16 -1.74 15.65
C GLN C 237 20.06 -1.10 16.50
N ASN C 238 20.40 -0.14 17.36
CA ASN C 238 19.37 0.48 18.19
C ASN C 238 18.47 1.40 17.36
N LEU C 239 19.01 2.02 16.33
CA LEU C 239 18.27 2.92 15.45
C LEU C 239 18.58 2.56 14.00
N PRO C 240 17.77 2.99 13.04
CA PRO C 240 18.06 2.67 11.64
C PRO C 240 19.47 3.12 11.23
N ASN C 241 20.18 2.22 10.56
CA ASN C 241 21.56 2.45 10.15
C ASN C 241 21.65 2.59 8.64
N LEU C 242 22.88 2.68 8.14
CA LEU C 242 23.10 2.92 6.72
C LEU C 242 23.03 1.64 5.88
N MET C 243 23.31 0.48 6.48
CA MET C 243 23.09 -0.78 5.77
C MET C 243 21.63 -0.95 5.38
N ASN C 244 20.70 -0.52 6.25
CA ASN C 244 19.28 -0.60 5.91
C ASN C 244 18.96 0.28 4.71
N LEU C 245 19.53 1.49 4.66
CA LEU C 245 19.26 2.39 3.55
C LEU C 245 19.88 1.85 2.25
N ILE C 246 21.09 1.30 2.33
CA ILE C 246 21.72 0.73 1.14
C ILE C 246 20.90 -0.46 0.64
N ALA C 247 20.41 -1.29 1.55
CA ALA C 247 19.56 -2.41 1.15
C ALA C 247 18.27 -1.92 0.51
N THR C 248 17.67 -0.87 1.07
CA THR C 248 16.45 -0.33 0.50
C THR C 248 16.67 0.20 -0.91
N ILE C 249 17.77 0.93 -1.12
CA ILE C 249 18.09 1.44 -2.45
C ILE C 249 18.36 0.30 -3.42
N PHE C 250 19.08 -0.73 -2.95
CA PHE C 250 19.37 -1.88 -3.80
C PHE C 250 18.09 -2.61 -4.21
N VAL C 251 17.16 -2.78 -3.27
CA VAL C 251 15.91 -3.46 -3.61
C VAL C 251 15.08 -2.60 -4.55
N PHE C 252 15.06 -1.28 -4.34
CA PHE C 252 14.46 -0.38 -5.31
C PHE C 252 15.03 -0.62 -6.70
N ALA C 253 16.35 -0.67 -6.82
CA ALA C 253 16.99 -0.83 -8.12
C ALA C 253 16.63 -2.16 -8.77
N VAL C 254 16.67 -3.25 -7.99
CA VAL C 254 16.40 -4.57 -8.56
C VAL C 254 14.93 -4.70 -8.97
N VAL C 255 14.01 -4.15 -8.17
CA VAL C 255 12.60 -4.22 -8.54
C VAL C 255 12.32 -3.35 -9.76
N ILE C 256 12.98 -2.19 -9.85
CA ILE C 256 12.84 -1.36 -11.04
C ILE C 256 13.34 -2.09 -12.27
N TYR C 257 14.49 -2.78 -12.15
CA TYR C 257 15.03 -3.52 -13.28
C TYR C 257 14.09 -4.64 -13.72
N PHE C 258 13.61 -5.43 -12.77
CA PHE C 258 12.74 -6.56 -13.12
C PHE C 258 11.34 -6.11 -13.54
N GLN C 259 10.91 -4.92 -13.16
CA GLN C 259 9.59 -4.45 -13.53
C GLN C 259 9.55 -3.95 -14.97
N GLY C 260 10.70 -3.65 -15.57
CA GLY C 260 10.76 -3.31 -16.97
C GLY C 260 10.81 -4.50 -17.91
N PHE C 261 10.93 -5.71 -17.37
CA PHE C 261 10.88 -6.91 -18.19
C PHE C 261 9.51 -7.04 -18.85
N ARG C 262 9.51 -7.36 -20.14
CA ARG C 262 8.27 -7.51 -20.86
C ARG C 262 8.50 -8.37 -22.10
N TYR C 263 7.52 -9.21 -22.41
CA TYR C 263 7.52 -9.97 -23.66
C TYR C 263 6.66 -9.19 -24.66
N GLU C 264 7.31 -8.64 -25.68
CA GLU C 264 6.64 -7.79 -26.66
C GLU C 264 6.10 -8.66 -27.79
N LEU C 265 4.78 -8.79 -27.87
CA LEU C 265 4.14 -9.55 -28.93
C LEU C 265 3.80 -8.61 -30.08
N PRO C 266 4.39 -8.79 -31.26
CA PRO C 266 4.07 -7.92 -32.41
C PRO C 266 2.72 -8.31 -33.01
N ILE C 267 1.72 -7.47 -32.79
CA ILE C 267 0.35 -7.74 -33.22
C ILE C 267 -0.01 -6.79 -34.35
N ARG C 268 -0.85 -7.26 -35.27
CA ARG C 268 -1.36 -6.47 -36.38
C ARG C 268 -2.86 -6.65 -36.49
N SER C 269 -3.56 -5.56 -36.79
CA SER C 269 -5.00 -5.62 -36.96
C SER C 269 -5.35 -6.18 -38.34
N THR C 270 -6.48 -6.89 -38.39
CA THR C 270 -6.98 -7.46 -39.64
C THR C 270 -8.27 -6.82 -40.12
N LYS C 271 -9.04 -6.18 -39.23
CA LYS C 271 -10.26 -5.48 -39.62
C LYS C 271 -9.95 -4.07 -40.14
N VAL C 272 -9.30 -3.27 -39.31
CA VAL C 272 -8.84 -1.93 -39.70
C VAL C 272 -7.34 -2.05 -39.99
N ARG C 273 -7.02 -2.17 -41.27
CA ARG C 273 -5.63 -2.33 -41.63
C ARG C 273 -4.84 -1.09 -41.34
N GLY C 274 -3.58 -1.25 -40.99
CA GLY C 274 -2.69 -0.15 -40.69
C GLY C 274 -2.50 0.13 -39.22
N GLN C 275 -3.28 -0.48 -38.35
CA GLN C 275 -3.16 -0.27 -36.90
C GLN C 275 -2.13 -1.24 -36.31
N ILE C 276 -0.93 -1.23 -36.90
CA ILE C 276 0.15 -2.06 -36.40
C ILE C 276 0.69 -1.49 -35.10
N GLY C 277 0.88 -2.34 -34.11
CA GLY C 277 1.38 -1.91 -32.83
C GLY C 277 2.10 -3.02 -32.11
N ILE C 278 2.23 -2.86 -30.79
CA ILE C 278 2.91 -3.83 -29.95
C ILE C 278 2.04 -4.12 -28.74
N TYR C 279 2.06 -5.38 -28.31
CA TYR C 279 1.33 -5.81 -27.11
C TYR C 279 2.33 -6.34 -26.10
N PRO C 280 2.68 -5.58 -25.06
CA PRO C 280 3.70 -6.03 -24.12
C PRO C 280 3.13 -6.89 -23.00
N ILE C 281 3.75 -8.05 -22.77
CA ILE C 281 3.38 -8.95 -21.68
C ILE C 281 4.47 -8.85 -20.64
N LYS C 282 4.22 -8.07 -19.59
CA LYS C 282 5.22 -7.83 -18.55
C LYS C 282 5.51 -9.11 -17.79
N LEU C 283 6.76 -9.23 -17.32
CA LEU C 283 7.11 -10.34 -16.42
C LEU C 283 6.29 -10.26 -15.14
N PHE C 284 6.18 -9.05 -14.57
CA PHE C 284 5.28 -8.81 -13.45
C PHE C 284 3.87 -8.60 -14.00
N TYR C 285 3.30 -9.72 -14.48
CA TYR C 285 2.00 -9.65 -15.16
C TYR C 285 0.92 -9.13 -14.23
N THR C 286 0.91 -9.61 -12.99
CA THR C 286 0.02 -9.08 -11.95
C THR C 286 0.83 -8.07 -11.15
N SER C 287 0.60 -6.78 -11.42
CA SER C 287 1.37 -5.72 -10.80
C SER C 287 1.05 -5.66 -9.31
N ASN C 288 1.98 -6.15 -8.49
CA ASN C 288 1.93 -6.12 -7.02
C ASN C 288 0.64 -6.70 -6.45
N ILE C 289 -0.14 -7.40 -7.28
CA ILE C 289 -1.35 -8.09 -6.82
C ILE C 289 -0.98 -9.21 -5.85
N PRO C 290 0.01 -10.08 -6.15
CA PRO C 290 0.41 -11.07 -5.15
C PRO C 290 0.86 -10.45 -3.85
N ILE C 291 1.59 -9.33 -3.91
CA ILE C 291 2.02 -8.66 -2.69
C ILE C 291 0.82 -8.16 -1.90
N ILE C 292 -0.15 -7.54 -2.58
CA ILE C 292 -1.34 -7.05 -1.88
C ILE C 292 -2.07 -8.19 -1.21
N LEU C 293 -2.31 -9.28 -1.95
CA LEU C 293 -3.07 -10.40 -1.39
C LEU C 293 -2.34 -11.02 -0.21
N GLN C 294 -1.04 -11.29 -0.36
CA GLN C 294 -0.28 -11.91 0.72
C GLN C 294 -0.20 -11.01 1.94
N SER C 295 0.05 -9.71 1.73
CA SER C 295 0.16 -8.79 2.86
C SER C 295 -1.17 -8.65 3.59
N ALA C 296 -2.27 -8.53 2.85
CA ALA C 296 -3.58 -8.45 3.49
C ALA C 296 -3.89 -9.72 4.28
N LEU C 297 -3.62 -10.88 3.67
CA LEU C 297 -3.88 -12.14 4.36
C LEU C 297 -3.05 -12.24 5.64
N VAL C 298 -1.77 -11.91 5.56
CA VAL C 298 -0.88 -12.01 6.73
C VAL C 298 -1.32 -11.04 7.81
N SER C 299 -1.64 -9.80 7.44
CA SER C 299 -2.03 -8.80 8.43
C SER C 299 -3.34 -9.19 9.12
N ASN C 300 -4.34 -9.61 8.34
CA ASN C 300 -5.59 -10.02 8.95
C ASN C 300 -5.42 -11.24 9.84
N LEU C 301 -4.66 -12.23 9.37
CA LEU C 301 -4.42 -13.40 10.20
C LEU C 301 -3.72 -13.01 11.50
N TYR C 302 -2.78 -12.07 11.41
CA TYR C 302 -2.07 -11.60 12.61
C TYR C 302 -3.03 -10.92 13.57
N VAL C 303 -3.94 -10.10 13.06
CA VAL C 303 -4.83 -9.34 13.93
C VAL C 303 -5.83 -10.26 14.63
N ILE C 304 -6.47 -11.15 13.88
CA ILE C 304 -7.37 -12.10 14.54
C ILE C 304 -6.61 -13.06 15.46
N SER C 305 -5.37 -13.43 15.10
CA SER C 305 -4.57 -14.27 16.00
C SER C 305 -4.29 -13.54 17.31
N GLN C 306 -3.95 -12.25 17.23
CA GLN C 306 -3.71 -11.46 18.44
C GLN C 306 -4.97 -11.36 19.29
N MET C 307 -6.12 -11.12 18.65
CA MET C 307 -7.37 -11.03 19.39
C MET C 307 -7.70 -12.35 20.09
N LEU C 308 -7.54 -13.47 19.36
CA LEU C 308 -7.84 -14.78 19.95
C LEU C 308 -6.87 -15.10 21.09
N SER C 309 -5.59 -14.76 20.93
CA SER C 309 -4.63 -15.00 22.00
C SER C 309 -4.96 -14.15 23.22
N ALA C 310 -5.35 -12.89 23.01
CA ALA C 310 -5.71 -12.04 24.14
C ALA C 310 -6.94 -12.55 24.86
N ARG C 311 -7.96 -13.00 24.11
CA ARG C 311 -9.20 -13.42 24.73
C ARG C 311 -9.20 -14.89 25.13
N PHE C 312 -8.65 -15.77 24.29
CA PHE C 312 -8.73 -17.20 24.51
C PHE C 312 -7.35 -17.82 24.69
N SER C 313 -6.50 -17.21 25.52
CA SER C 313 -5.16 -17.73 25.75
C SER C 313 -5.23 -19.08 26.44
N GLY C 314 -4.60 -20.09 25.83
CA GLY C 314 -4.54 -21.44 26.35
C GLY C 314 -5.12 -22.48 25.42
N ASN C 315 -6.09 -22.10 24.59
CA ASN C 315 -6.71 -23.04 23.67
C ASN C 315 -5.69 -23.53 22.65
N LEU C 316 -5.76 -24.84 22.36
CA LEU C 316 -4.82 -25.41 21.39
C LEU C 316 -5.05 -24.86 19.99
N LEU C 317 -6.31 -24.65 19.61
CA LEU C 317 -6.59 -24.07 18.30
C LEU C 317 -6.04 -22.64 18.21
N VAL C 318 -6.21 -21.85 19.28
CA VAL C 318 -5.67 -20.50 19.30
C VAL C 318 -4.14 -20.53 19.32
N SER C 319 -3.56 -21.43 20.12
CA SER C 319 -2.11 -21.49 20.23
C SER C 319 -1.45 -21.88 18.92
N LEU C 320 -2.05 -22.84 18.20
CA LEU C 320 -1.49 -23.25 16.91
C LEU C 320 -1.64 -22.15 15.87
N LEU C 321 -2.67 -21.32 16.00
CA LEU C 321 -2.83 -20.19 15.08
C LEU C 321 -1.69 -19.18 15.25
N GLY C 322 -1.17 -19.03 16.45
CA GLY C 322 -0.07 -18.12 16.70
C GLY C 322 0.08 -17.75 18.17
N THR C 323 1.31 -17.69 18.65
CA THR C 323 1.62 -17.33 20.02
C THR C 323 2.35 -16.00 20.02
N TRP C 324 1.83 -15.04 20.78
CA TRP C 324 2.37 -13.69 20.82
C TRP C 324 2.90 -13.38 22.21
N SER C 325 4.01 -12.63 22.25
CA SER C 325 4.64 -12.26 23.52
C SER C 325 3.76 -11.30 24.31
N ALA C 335 5.29 -7.49 20.72
CA ALA C 335 4.09 -7.96 20.04
C ALA C 335 4.45 -8.65 18.73
N TYR C 336 5.30 -9.66 18.80
CA TYR C 336 5.71 -10.43 17.64
C TYR C 336 5.53 -11.91 17.88
N PRO C 337 5.21 -12.69 16.85
CA PRO C 337 4.95 -14.12 17.06
C PRO C 337 6.20 -14.86 17.53
N VAL C 338 5.99 -15.86 18.38
CA VAL C 338 7.08 -16.68 18.91
C VAL C 338 6.73 -18.15 18.74
N GLY C 339 5.70 -18.43 17.96
CA GLY C 339 5.25 -19.80 17.76
C GLY C 339 3.85 -19.90 17.21
N GLY C 340 3.58 -20.93 16.43
CA GLY C 340 2.29 -21.12 15.81
C GLY C 340 2.35 -20.93 14.31
N LEU C 341 1.17 -20.96 13.70
CA LEU C 341 1.08 -20.77 12.25
C LEU C 341 1.46 -19.36 11.84
N CYS C 342 1.25 -18.38 12.72
CA CYS C 342 1.59 -17.00 12.43
C CYS C 342 3.07 -16.69 12.65
N TYR C 343 3.84 -17.61 13.22
CA TYR C 343 5.27 -17.42 13.39
C TYR C 343 6.05 -17.77 12.13
N TYR C 344 5.62 -18.80 11.40
CA TYR C 344 6.27 -19.19 10.16
C TYR C 344 5.88 -18.28 9.00
N LEU C 345 4.92 -17.38 9.19
CA LEU C 345 4.53 -16.40 8.20
C LEU C 345 5.22 -15.06 8.41
N SER C 346 6.16 -14.98 9.35
CA SER C 346 6.81 -13.73 9.71
C SER C 346 8.25 -13.70 9.20
N PRO C 347 8.68 -12.59 8.62
CA PRO C 347 10.08 -12.43 8.23
C PRO C 347 10.98 -12.51 9.45
N PRO C 348 12.18 -13.08 9.32
CA PRO C 348 13.11 -13.12 10.46
C PRO C 348 13.64 -11.73 10.77
N GLU C 349 13.73 -11.43 12.06
CA GLU C 349 14.16 -10.10 12.49
C GLU C 349 15.58 -9.80 12.03
N SER C 350 16.50 -10.72 12.29
CA SER C 350 17.89 -10.58 11.91
C SER C 350 18.40 -11.88 11.30
N PHE C 351 19.53 -11.80 10.60
CA PHE C 351 20.15 -12.99 10.03
C PHE C 351 20.60 -13.96 11.12
N GLY C 352 20.86 -13.47 12.33
CA GLY C 352 21.14 -14.37 13.44
C GLY C 352 19.97 -15.27 13.77
N SER C 353 18.74 -14.76 13.63
CA SER C 353 17.56 -15.60 13.78
C SER C 353 17.51 -16.67 12.68
N VAL C 354 17.94 -16.31 11.47
CA VAL C 354 17.99 -17.29 10.38
C VAL C 354 18.99 -18.39 10.72
N LEU C 355 20.17 -18.01 11.23
CA LEU C 355 21.16 -19.00 11.61
C LEU C 355 20.67 -19.88 12.75
N GLU C 356 20.00 -19.28 13.74
CA GLU C 356 19.49 -20.05 14.88
C GLU C 356 18.41 -21.02 14.44
N ASP C 357 17.42 -20.55 13.69
CA ASP C 357 16.32 -21.37 13.21
C ASP C 357 16.33 -21.39 11.68
N PRO C 358 16.89 -22.41 11.05
CA PRO C 358 16.87 -22.47 9.58
C PRO C 358 15.55 -23.01 9.05
N VAL C 359 14.88 -23.83 9.85
CA VAL C 359 13.59 -24.39 9.43
C VAL C 359 12.57 -23.28 9.25
N HIS C 360 12.54 -22.31 10.18
CA HIS C 360 11.62 -21.19 10.05
C HIS C 360 11.91 -20.38 8.79
N ALA C 361 13.19 -20.13 8.49
CA ALA C 361 13.54 -19.38 7.30
C ALA C 361 13.12 -20.11 6.03
N VAL C 362 13.36 -21.43 5.99
CA VAL C 362 12.98 -22.21 4.81
C VAL C 362 11.46 -22.20 4.63
N VAL C 363 10.73 -22.38 5.73
CA VAL C 363 9.27 -22.38 5.64
C VAL C 363 8.75 -21.01 5.20
N TYR C 364 9.34 -19.93 5.74
CA TYR C 364 8.93 -18.59 5.33
C TYR C 364 9.18 -18.34 3.86
N ILE C 365 10.36 -18.75 3.36
CA ILE C 365 10.68 -18.55 1.95
C ILE C 365 9.72 -19.33 1.07
N VAL C 366 9.48 -20.60 1.43
CA VAL C 366 8.58 -21.43 0.65
C VAL C 366 7.18 -20.84 0.64
N PHE C 367 6.71 -20.39 1.81
CA PHE C 367 5.38 -19.79 1.90
C PHE C 367 5.29 -18.54 1.02
N MET C 368 6.29 -17.67 1.09
CA MET C 368 6.25 -16.45 0.30
C MET C 368 6.20 -16.76 -1.19
N LEU C 369 7.13 -17.59 -1.66
CA LEU C 369 7.18 -17.88 -3.10
C LEU C 369 5.91 -18.57 -3.56
N GLY C 370 5.49 -19.62 -2.86
CA GLY C 370 4.30 -20.35 -3.27
C GLY C 370 3.04 -19.51 -3.23
N SER C 371 2.87 -18.72 -2.17
CA SER C 371 1.70 -17.88 -2.05
C SER C 371 1.66 -16.82 -3.15
N CYS C 372 2.80 -16.19 -3.42
CA CYS C 372 2.81 -15.18 -4.47
C CYS C 372 2.52 -15.78 -5.84
N ALA C 373 3.14 -16.93 -6.15
CA ALA C 373 2.87 -17.56 -7.44
C ALA C 373 1.41 -17.99 -7.56
N PHE C 374 0.86 -18.59 -6.50
CA PHE C 374 -0.53 -19.03 -6.53
C PHE C 374 -1.48 -17.85 -6.65
N PHE C 375 -1.19 -16.75 -5.94
CA PHE C 375 -2.03 -15.57 -6.04
C PHE C 375 -2.01 -14.98 -7.44
N SER C 376 -0.83 -14.93 -8.06
CA SER C 376 -0.75 -14.43 -9.44
C SER C 376 -1.53 -15.32 -10.39
N LYS C 377 -1.35 -16.64 -10.27
CA LYS C 377 -2.02 -17.57 -11.18
C LYS C 377 -3.53 -17.57 -10.97
N THR C 378 -3.99 -17.32 -9.74
CA THR C 378 -5.43 -17.22 -9.50
C THR C 378 -5.97 -15.88 -9.98
N TRP C 379 -5.21 -14.81 -9.82
CA TRP C 379 -5.70 -13.49 -10.18
C TRP C 379 -5.77 -13.30 -11.69
N ILE C 380 -4.90 -13.97 -12.46
CA ILE C 380 -5.02 -13.84 -13.91
C ILE C 380 -6.34 -14.44 -14.39
N GLU C 381 -6.81 -15.50 -13.74
CA GLU C 381 -8.12 -16.06 -14.07
C GLU C 381 -9.26 -15.20 -13.52
N VAL C 382 -9.11 -14.71 -12.29
CA VAL C 382 -10.20 -14.01 -11.62
C VAL C 382 -10.47 -12.66 -12.28
N SER C 383 -9.42 -11.88 -12.56
CA SER C 383 -9.55 -10.52 -13.02
C SER C 383 -9.68 -10.41 -14.54
N GLY C 384 -9.75 -11.53 -15.25
CA GLY C 384 -9.82 -11.49 -16.69
C GLY C 384 -8.51 -11.15 -17.34
N SER C 385 -7.44 -11.85 -16.95
CA SER C 385 -6.13 -11.69 -17.56
C SER C 385 -5.59 -13.03 -18.07
N SER C 386 -6.41 -14.07 -18.07
CA SER C 386 -6.00 -15.37 -18.58
C SER C 386 -5.86 -15.31 -20.09
N PRO C 387 -5.13 -16.27 -20.68
CA PRO C 387 -5.00 -16.29 -22.14
C PRO C 387 -6.32 -16.38 -22.88
N ARG C 388 -7.36 -16.93 -22.27
CA ARG C 388 -8.66 -17.01 -22.93
C ARG C 388 -9.24 -15.62 -23.18
N ASP C 389 -9.26 -14.76 -22.16
CA ASP C 389 -9.83 -13.43 -22.33
C ASP C 389 -8.98 -12.57 -23.26
N ILE C 390 -7.65 -12.72 -23.19
CA ILE C 390 -6.78 -11.96 -24.09
C ILE C 390 -6.98 -12.42 -25.52
N ALA C 391 -7.18 -13.73 -25.73
CA ALA C 391 -7.49 -14.22 -27.07
C ALA C 391 -8.84 -13.70 -27.55
N LYS C 392 -9.81 -13.61 -26.65
CA LYS C 392 -11.10 -13.03 -27.01
C LYS C 392 -10.96 -11.58 -27.43
N GLN C 393 -10.15 -10.80 -26.70
CA GLN C 393 -9.91 -9.42 -27.07
C GLN C 393 -9.21 -9.33 -28.43
N PHE C 394 -8.22 -10.20 -28.65
CA PHE C 394 -7.50 -10.21 -29.93
C PHE C 394 -8.43 -10.54 -31.09
N LYS C 395 -9.38 -11.46 -30.87
CA LYS C 395 -10.39 -11.74 -31.88
C LYS C 395 -11.33 -10.56 -32.07
N ASP C 396 -11.66 -9.86 -30.98
CA ASP C 396 -12.54 -8.70 -31.08
C ASP C 396 -11.93 -7.61 -31.93
N GLN C 397 -10.65 -7.33 -31.74
CA GLN C 397 -9.96 -6.31 -32.54
C GLN C 397 -9.23 -6.89 -33.75
N GLY C 398 -9.33 -8.20 -33.97
CA GLY C 398 -8.62 -8.82 -35.08
C GLY C 398 -7.11 -8.71 -34.97
N MET C 399 -6.59 -8.57 -33.74
CA MET C 399 -5.17 -8.30 -33.52
C MET C 399 -4.40 -9.62 -33.56
N VAL C 400 -4.13 -10.09 -34.79
CA VAL C 400 -3.33 -11.29 -34.96
C VAL C 400 -1.84 -10.94 -34.89
N ILE C 401 -1.04 -11.94 -34.56
CA ILE C 401 0.41 -11.75 -34.49
C ILE C 401 0.97 -11.66 -35.91
N ASN C 402 2.04 -10.87 -36.07
CA ASN C 402 2.64 -10.70 -37.38
C ASN C 402 3.18 -12.01 -37.93
N GLY C 403 3.84 -12.80 -37.09
CA GLY C 403 4.43 -14.05 -37.52
C GLY C 403 3.47 -15.23 -37.45
N LYS C 404 2.74 -15.35 -36.35
CA LYS C 404 1.84 -16.46 -36.15
C LYS C 404 0.55 -16.26 -36.92
N ARG C 405 -0.18 -17.37 -37.10
CA ARG C 405 -1.43 -17.33 -37.84
C ARG C 405 -2.57 -16.82 -36.94
N GLU C 406 -3.78 -16.82 -37.48
CA GLU C 406 -4.95 -16.42 -36.72
C GLU C 406 -5.53 -17.54 -35.87
N THR C 407 -5.10 -18.78 -36.09
CA THR C 407 -5.57 -19.93 -35.33
C THR C 407 -4.56 -20.37 -34.28
N SER C 408 -3.53 -19.56 -34.02
CA SER C 408 -2.50 -19.90 -33.04
C SER C 408 -2.33 -18.81 -31.99
N ILE C 409 -3.28 -17.88 -31.90
CA ILE C 409 -3.20 -16.84 -30.87
C ILE C 409 -3.30 -17.44 -29.48
N TYR C 410 -4.26 -18.35 -29.29
CA TYR C 410 -4.46 -18.96 -27.98
C TYR C 410 -3.25 -19.80 -27.57
N ARG C 411 -2.63 -20.48 -28.54
CA ARG C 411 -1.46 -21.30 -28.23
C ARG C 411 -0.31 -20.44 -27.71
N GLU C 412 0.00 -19.34 -28.39
CA GLU C 412 1.08 -18.47 -27.94
C GLU C 412 0.72 -17.81 -26.61
N LEU C 413 -0.55 -17.43 -26.43
CA LEU C 413 -0.96 -16.83 -25.17
C LEU C 413 -0.81 -17.82 -24.02
N LYS C 414 -1.16 -19.09 -24.24
CA LYS C 414 -0.94 -20.11 -23.22
C LYS C 414 0.55 -20.32 -22.96
N LYS C 415 1.37 -20.23 -24.02
CA LYS C 415 2.81 -20.37 -23.84
C LYS C 415 3.39 -19.26 -22.97
N ILE C 416 2.90 -18.03 -23.15
CA ILE C 416 3.54 -16.88 -22.51
C ILE C 416 2.87 -16.50 -21.19
N ILE C 417 1.58 -16.16 -21.24
CA ILE C 417 0.94 -15.47 -20.11
C ILE C 417 0.94 -16.29 -18.83
N PRO C 418 0.56 -17.57 -18.82
CA PRO C 418 0.60 -18.31 -17.54
C PRO C 418 1.99 -18.38 -16.93
N THR C 419 2.99 -18.74 -17.74
CA THR C 419 4.36 -18.79 -17.24
C THR C 419 4.83 -17.41 -16.80
N ALA C 420 4.48 -16.38 -17.55
CA ALA C 420 4.87 -15.02 -17.18
C ALA C 420 4.29 -14.63 -15.83
N ALA C 421 3.01 -14.93 -15.61
CA ALA C 421 2.38 -14.59 -14.34
C ALA C 421 2.99 -15.38 -13.18
N ALA C 422 3.20 -16.68 -13.39
CA ALA C 422 3.76 -17.51 -12.33
C ALA C 422 5.16 -17.05 -11.96
N PHE C 423 6.00 -16.78 -12.96
CA PHE C 423 7.35 -16.34 -12.66
C PHE C 423 7.40 -14.93 -12.12
N GLY C 424 6.46 -14.06 -12.52
CA GLY C 424 6.40 -12.74 -11.93
C GLY C 424 6.04 -12.79 -10.45
N GLY C 425 5.06 -13.63 -10.10
CA GLY C 425 4.76 -13.83 -8.69
C GLY C 425 5.93 -14.41 -7.93
N LEU C 426 6.61 -15.40 -8.52
CA LEU C 426 7.78 -15.99 -7.88
C LEU C 426 8.87 -14.95 -7.65
N CYS C 427 9.14 -14.11 -8.67
CA CYS C 427 10.20 -13.12 -8.56
C CYS C 427 9.84 -12.02 -7.56
N ILE C 428 8.58 -11.58 -7.55
CA ILE C 428 8.22 -10.52 -6.61
C ILE C 428 8.24 -11.05 -5.17
N GLY C 429 7.84 -12.31 -4.98
CA GLY C 429 7.99 -12.92 -3.67
C GLY C 429 9.45 -13.06 -3.25
N ALA C 430 10.31 -13.44 -4.19
CA ALA C 430 11.73 -13.55 -3.90
C ALA C 430 12.33 -12.18 -3.55
N LEU C 431 11.90 -11.14 -4.25
CA LEU C 431 12.37 -9.79 -3.95
C LEU C 431 11.91 -9.34 -2.56
N SER C 432 10.66 -9.66 -2.21
CA SER C 432 10.19 -9.35 -0.86
C SER C 432 11.00 -10.10 0.19
N VAL C 433 11.30 -11.38 -0.07
CA VAL C 433 12.10 -12.16 0.87
C VAL C 433 13.49 -11.58 1.01
N LEU C 434 14.10 -11.17 -0.11
CA LEU C 434 15.43 -10.57 -0.07
C LEU C 434 15.42 -9.26 0.70
N ALA C 435 14.40 -8.42 0.49
CA ALA C 435 14.31 -7.16 1.22
C ALA C 435 14.09 -7.40 2.72
N ASP C 436 13.34 -8.44 3.08
CA ASP C 436 13.15 -8.75 4.49
C ASP C 436 14.41 -9.34 5.13
N PHE C 437 15.18 -10.11 4.37
CA PHE C 437 16.40 -10.70 4.90
C PHE C 437 17.51 -9.68 5.02
N LEU C 438 17.59 -8.72 4.10
CA LEU C 438 18.57 -7.65 4.20
C LEU C 438 18.21 -6.61 5.25
N GLY C 439 17.03 -6.69 5.83
CA GLY C 439 16.62 -5.72 6.84
C GLY C 439 16.44 -4.32 6.27
N ALA C 440 15.97 -4.22 5.04
CA ALA C 440 15.79 -2.92 4.41
C ALA C 440 14.67 -2.14 5.07
N ILE C 441 14.77 -0.81 5.00
CA ILE C 441 13.78 0.07 5.63
C ILE C 441 12.43 -0.13 4.93
N GLY C 442 11.38 -0.29 5.73
CA GLY C 442 10.05 -0.48 5.21
C GLY C 442 9.67 -1.91 4.89
N SER C 443 10.59 -2.86 5.11
CA SER C 443 10.35 -4.28 4.87
C SER C 443 10.09 -4.57 3.40
N GLY C 444 9.96 -5.86 3.06
CA GLY C 444 9.71 -6.21 1.67
C GLY C 444 8.36 -5.75 1.17
N THR C 445 7.32 -5.92 1.99
CA THR C 445 5.97 -5.54 1.58
C THR C 445 5.89 -4.06 1.24
N GLY C 446 6.37 -3.21 2.15
CA GLY C 446 6.28 -1.77 1.93
C GLY C 446 7.09 -1.32 0.73
N ILE C 447 8.32 -1.83 0.62
CA ILE C 447 9.18 -1.44 -0.50
C ILE C 447 8.56 -1.83 -1.83
N LEU C 448 8.12 -3.09 -1.94
CA LEU C 448 7.53 -3.57 -3.19
C LEU C 448 6.27 -2.80 -3.53
N LEU C 449 5.39 -2.57 -2.54
CA LEU C 449 4.17 -1.84 -2.81
C LEU C 449 4.47 -0.42 -3.30
N ALA C 450 5.39 0.27 -2.60
CA ALA C 450 5.71 1.65 -2.97
C ALA C 450 6.29 1.72 -4.38
N VAL C 451 7.27 0.87 -4.68
CA VAL C 451 7.94 0.96 -5.97
C VAL C 451 6.98 0.57 -7.10
N THR C 452 6.12 -0.43 -6.87
CA THR C 452 5.18 -0.83 -7.90
C THR C 452 4.12 0.24 -8.14
N ILE C 453 3.68 0.92 -7.07
CA ILE C 453 2.70 1.99 -7.24
C ILE C 453 3.33 3.17 -7.99
N ILE C 454 4.58 3.49 -7.67
CA ILE C 454 5.26 4.57 -8.40
C ILE C 454 5.45 4.19 -9.86
N TYR C 455 5.73 2.92 -10.14
CA TYR C 455 5.82 2.48 -11.53
C TYR C 455 4.47 2.55 -12.22
N GLN C 456 3.38 2.28 -11.50
CA GLN C 456 2.05 2.46 -12.09
C GLN C 456 1.80 3.91 -12.46
N TYR C 457 2.20 4.84 -11.59
CA TYR C 457 2.07 6.26 -11.91
C TYR C 457 2.94 6.65 -13.10
N PHE C 458 4.15 6.08 -13.18
CA PHE C 458 5.02 6.34 -14.32
C PHE C 458 4.40 5.79 -15.61
N GLU C 459 3.74 4.63 -15.51
CA GLU C 459 3.03 4.08 -16.66
C GLU C 459 1.89 4.98 -17.10
N ILE C 460 1.16 5.55 -16.13
CA ILE C 460 0.12 6.52 -16.46
C ILE C 460 0.73 7.72 -17.17
N PHE C 461 1.88 8.19 -16.68
CA PHE C 461 2.56 9.33 -17.30
C PHE C 461 2.94 9.03 -18.74
N VAL C 462 3.55 7.87 -18.98
CA VAL C 462 4.00 7.56 -20.34
C VAL C 462 2.80 7.30 -21.24
N LYS C 463 1.70 6.77 -20.71
CA LYS C 463 0.49 6.61 -21.50
C LYS C 463 -0.07 7.96 -21.92
N GLU C 464 -0.11 8.91 -20.99
CA GLU C 464 -0.57 10.27 -21.33
C GLU C 464 0.34 10.92 -22.36
N GLN C 465 1.66 10.72 -22.23
CA GLN C 465 2.59 11.27 -23.22
C GLN C 465 2.38 10.63 -24.59
N SER C 466 2.13 9.32 -24.62
CA SER C 466 1.86 8.65 -25.88
C SER C 466 0.58 9.16 -26.53
N GLU C 467 -0.44 9.43 -25.71
CA GLU C 467 -1.66 10.02 -26.25
C GLU C 467 -1.38 11.40 -26.86
N VAL C 468 -0.50 12.17 -26.24
CA VAL C 468 -0.13 13.48 -26.76
C VAL C 468 0.74 13.33 -28.00
C10 Q6B D . -9.44 -5.86 5.28
C14 Q6B D . -7.41 -4.62 2.48
C15 Q6B D . -6.20 -4.44 2.01
C16 Q6B D . -5.82 -3.89 0.71
C17 Q6B D . -4.50 -3.79 0.47
C18 Q6B D . -3.70 -3.11 -0.55
C19 Q6B D . -4.31 -2.22 -1.35
O13 Q6B D . -6.83 -5.63 4.55
O25 Q6B D . -5.86 0.66 -7.43
O27 Q6B D . -5.03 -0.57 -9.52
O30 Q6B D . -1.62 -2.77 -9.99
C02 Q6B D . -11.36 -3.21 8.26
C04 Q6B D . -13.08 -4.58 9.23
C05 Q6B D . -13.64 -5.81 8.56
C06 Q6B D . -12.58 -6.57 7.79
C07 Q6B D . -12.52 -6.77 6.48
C08 Q6B D . -11.33 -7.47 5.87
C09 Q6B D . -10.61 -6.71 4.75
C12 Q6B D . -7.66 -5.17 3.83
C20 Q6B D . -3.77 -1.59 -2.49
C21 Q6B D . -4.45 -1.47 -3.61
C22 Q6B D . -3.93 -1.07 -4.91
C23 Q6B D . -4.86 -0.85 -5.84
C24 Q6B D . -4.71 -0.17 -7.17
C26 Q6B D . -4.57 -1.17 -8.32
C28 Q6B D . -3.13 -1.63 -8.53
C29 Q6B D . -2.99 -2.67 -9.62
C31 Q6B D . -3.49 -4.01 -9.17
C32 Q6B D . -2.45 -0.84 -5.02
C33 Q6B D . -2.25 -3.45 -0.70
C34 Q6B D . -6.93 -3.44 -0.20
C35 Q6B D . -9.80 -4.88 6.37
C36 Q6B D . -10.65 -3.71 5.88
C37 Q6B D . -10.91 -2.64 6.94
C38 Q6B D . -10.13 -7.70 3.69
C39 Q6B D . -13.58 -6.31 5.52
C40 Q6B D . -14.07 -3.80 10.10
C41 Q6B D . -15.38 -3.55 9.38
C42 Q6B D . -14.32 -4.53 11.43
C43 Q6B D . -13.10 -4.73 12.30
C44 Q6B D . -12.85 -5.94 12.82
C45 Q6B D . -11.70 -6.34 13.70
C46 Q6B D . -12.08 -7.55 14.54
C47 Q6B D . -10.43 -6.59 12.89
C49 Q6B D . -10.39 -7.95 12.19
C50 Q6B D . -10.24 -7.85 10.68
C52 Q6B D . -8.88 -7.33 10.27
C53 Q6B D . -12.25 -3.53 12.52
O01 Q6B D . -10.70 -3.25 9.26
O03 Q6B D . -12.62 -3.66 8.19
O11 Q6B D . -8.97 -5.09 4.15
O48 Q6B D . -10.27 -5.56 11.90
O51 Q6B D . -10.46 -9.15 10.10
H1 Q6B D . -8.65 -6.52 5.62
H2 Q6B D . -8.33 -4.41 1.93
H3 Q6B D . -5.36 -4.74 2.64
H4 Q6B D . -3.87 -4.40 1.09
H5 Q6B D . -5.30 -1.85 -1.11
H6 Q6B D . -6.64 0.07 -7.29
H7 Q6B D . -4.26 -0.11 -9.96
H8 Q6B D . -1.17 -3.34 -9.31
H9 Q6B D . -12.22 -4.85 9.84
H10 Q6B D . -14.07 -6.48 9.31
H11 Q6B D . -14.47 -5.58 7.90
H12 Q6B D . -11.81 -6.94 8.46
H13 Q6B D . -10.64 -7.72 6.68
H14 Q6B D . -11.67 -8.43 5.51
H15 Q6B D . -11.31 -6.07 4.24
H16 Q6B D . -2.74 -1.21 -2.38
H17 Q6B D . -5.51 -1.71 -3.61
H18 Q6B D . -5.88 -1.18 -5.67
H19 Q6B D . -3.82 0.43 -7.17
H20 Q6B D . -5.22 -2.03 -8.17
H21 Q6B D . -2.49 -0.77 -8.70
H22 Q6B D . -2.76 -2.07 -7.59
H23 Q6B D . -3.57 -2.34 -10.48
H24 Q6B D . -2.72 -4.47 -8.55
H25 Q6B D . -3.70 -4.71 -9.96
H26 Q6B D . -4.37 -3.95 -8.53
H27 Q6B D . -1.86 -1.70 -4.70
H28 Q6B D . -2.15 -0.63 -6.05
H29 Q6B D . -2.10 -0.02 -4.39
H30 Q6B D . -1.89 -3.16 -1.68
H31 Q6B D . -1.62 -2.90 -0.01
H32 Q6B D . -2.07 -4.51 -0.55
H33 Q6B D . -7.85 -4.00 -0.08
H34 Q6B D . -7.18 -2.40 -0.01
H35 Q6B D . -6.64 -3.50 -1.24
H36 Q6B D . -8.90 -4.51 6.85
H37 Q6B D . -10.30 -5.41 7.18
H38 Q6B D . -11.60 -4.08 5.51
H39 Q6B D . -10.20 -3.23 5.02
H40 Q6B D . -11.67 -1.96 6.60
H41 Q6B D . -10.03 -2.01 7.05
H42 Q6B D . -9.74 -7.19 2.80
H43 Q6B D . -10.94 -8.33 3.34
H44 Q6B D . -9.35 -8.36 4.04
H45 Q6B D . -13.54 -5.23 5.33
H46 Q6B D . -13.43 -6.81 4.56
H47 Q6B D . -14.58 -6.54 5.87
H48 Q6B D . -13.65 -2.81 10.28
H49 Q6B D . -16.00 -2.82 9.92
H50 Q6B D . -15.21 -3.15 8.38
H51 Q6B D . -16.00 -4.44 9.26
H52 Q6B D . -15.06 -3.98 12.01
H53 Q6B D . -14.80 -5.49 11.26
H54 Q6B D . -13.53 -6.75 12.58
H55 Q6B D . -11.48 -5.53 14.40
H56 Q6B D . -12.82 -8.19 14.04
H57 Q6B D . -11.22 -8.18 14.73
H58 Q6B D . -12.50 -7.28 15.51
H59 Q6B D . -9.57 -6.50 13.56
H60 Q6B D . -9.64 -8.64 12.57
H61 Q6B D . -11.29 -8.51 12.37
H62 Q6B D . -11.01 -7.20 10.30
H63 Q6B D . -8.38 -7.95 9.53
H64 Q6B D . -8.97 -6.34 9.80
H65 Q6B D . -8.21 -7.22 11.11
H66 Q6B D . -11.58 -3.62 13.37
H67 Q6B D . -11.59 -3.34 11.67
H68 Q6B D . -12.86 -2.64 12.68
H69 Q6B D . -9.79 -4.81 12.34
H70 Q6B D . -9.58 -9.53 9.88
#